data_8JM3
#
_entry.id   8JM3
#
_cell.length_a   49.648
_cell.length_b   91.713
_cell.length_c   129.724
_cell.angle_alpha   90.00
_cell.angle_beta   90.00
_cell.angle_gamma   90.00
#
_symmetry.space_group_name_H-M   'P 21 21 21'
#
loop_
_entity.id
_entity.type
_entity.pdbx_description
1 polymer '(R)-mandelonitrile lyase'
2 non-polymer 2-acetamido-2-deoxy-beta-D-glucopyranose
3 non-polymer 4H-1,3-benzodioxine-6-carbaldehyde
4 non-polymer 'FLAVIN-ADENINE DINUCLEOTIDE'
5 non-polymer DI(HYDROXYETHYL)ETHER
6 non-polymer 'PHOSPHATE ION'
7 water water
#
_entity_poly.entity_id   1
_entity_poly.type   'polypeptide(L)'
_entity_poly.pdbx_seq_one_letter_code
;IDHHHHHHLANTSAHDFSYLKFVYNATDTSLEGSYDYIVIGGGTSGCPLAATLSEKYKVLLLERGTIATEYPNTLTADGF
AYNLQQQDDGKTPVERFVSEDGIDNVRARILGGTTIINAGVYARANISFYSQTGIEWDLDLVNKTYEWVEDAIVVKPNNQ
SWQSVIGEGFLEAGILPDNGFSLDHEAGTRLTGSTFDNNGTRHAADELLNKGDPNNLLVAVQASVEKILFSSNTSNLSAI
GVIYTDSDGNSHQAFVRGNGEVIVSAGTIGTPQLLLLSGVGPESYLSSLNITVVQPNPYVGQFVYDNPRNFINILPPNPI
EASVVTVLGIRSDYYQVSASSLPFSTPPFSLFPTTSYPLPNSTFAHIVSQVPGPLSHGSVTLNSSSDVRIAPNIKFNYYS
NSTDLANCVSGMKKLGDLLRTKALEPYKARDVLGIDGFNYLGVPLPENQTDDASFETFCLDNVASYWHYHGGSLVGKVLD
DSFRVMGIKALRVVDASTFPYEPNSHPQGFYLMLGRYVGLQILQERSIRLEAIHNIQESM
;
_entity_poly.pdbx_strand_id   A
#
loop_
_chem_comp.id
_chem_comp.type
_chem_comp.name
_chem_comp.formula
FAD non-polymer 'FLAVIN-ADENINE DINUCLEOTIDE' 'C27 H33 N9 O15 P2'
FQ6 non-polymer 4H-1,3-benzodioxine-6-carbaldehyde 'C9 H8 O3'
NAG D-saccharide, beta linking 2-acetamido-2-deoxy-beta-D-glucopyranose 'C8 H15 N O6'
PEG non-polymer DI(HYDROXYETHYL)ETHER 'C4 H10 O3'
PO4 non-polymer 'PHOSPHATE ION' 'O4 P -3'
#
# COMPACT_ATOMS: atom_id res chain seq x y z
N HIS A 8 8.22 -2.79 -23.02
CA HIS A 8 7.15 -3.12 -22.02
C HIS A 8 7.48 -2.51 -20.64
N LEU A 9 8.70 -1.99 -20.42
CA LEU A 9 9.12 -1.40 -19.11
C LEU A 9 9.65 0.02 -19.36
N ALA A 10 9.61 0.85 -18.32
CA ALA A 10 10.14 2.23 -18.32
C ALA A 10 11.67 2.18 -18.45
N ASN A 11 12.26 3.32 -18.81
CA ASN A 11 13.72 3.57 -18.79
C ASN A 11 14.04 4.41 -17.56
N THR A 12 15.31 4.57 -17.25
CA THR A 12 15.78 5.53 -16.23
C THR A 12 15.49 6.93 -16.79
N SER A 13 14.87 7.80 -16.00
CA SER A 13 14.56 9.21 -16.38
C SER A 13 14.05 9.95 -15.15
N ALA A 14 14.05 11.27 -15.21
CA ALA A 14 13.65 12.13 -14.07
C ALA A 14 12.18 11.85 -13.78
N HIS A 15 11.79 12.12 -12.56
CA HIS A 15 10.37 12.02 -12.14
C HIS A 15 9.59 13.07 -12.95
N ASP A 16 8.57 12.65 -13.67
CA ASP A 16 7.86 13.54 -14.61
C ASP A 16 6.73 14.29 -13.87
N PHE A 17 6.95 15.58 -13.59
CA PHE A 17 5.96 16.48 -12.95
C PHE A 17 5.16 17.34 -13.97
N SER A 18 5.11 16.97 -15.26
CA SER A 18 4.38 17.77 -16.28
C SER A 18 2.95 18.02 -15.82
N TYR A 19 2.32 17.07 -15.12
CA TYR A 19 0.89 17.14 -14.71
C TYR A 19 0.66 18.33 -13.76
N LEU A 20 1.69 18.90 -13.17
CA LEU A 20 1.54 20.09 -12.26
C LEU A 20 0.87 21.25 -13.00
N LYS A 21 0.90 21.28 -14.34
CA LYS A 21 0.18 22.34 -15.10
C LYS A 21 -1.33 22.30 -14.80
N PHE A 22 -1.91 21.18 -14.35
CA PHE A 22 -3.35 21.13 -14.00
C PHE A 22 -3.58 20.76 -12.52
N VAL A 23 -2.61 21.06 -11.67
CA VAL A 23 -2.72 20.92 -10.19
C VAL A 23 -2.92 22.31 -9.59
N TYR A 24 -3.95 22.45 -8.76
CA TYR A 24 -4.37 23.70 -8.10
C TYR A 24 -4.50 23.47 -6.59
N ASN A 25 -4.24 24.52 -5.87
CA ASN A 25 -4.59 24.62 -4.42
C ASN A 25 -6.12 24.58 -4.23
N ALA A 26 -6.63 23.75 -3.28
CA ALA A 26 -8.07 23.64 -2.99
C ALA A 26 -8.67 24.99 -2.51
N THR A 27 -7.84 26.00 -2.23
CA THR A 27 -8.31 27.36 -1.82
C THR A 27 -8.99 28.05 -3.00
N ASP A 28 -8.75 27.56 -4.21
CA ASP A 28 -9.30 28.16 -5.46
C ASP A 28 -10.77 27.77 -5.62
N THR A 29 -11.69 28.71 -5.41
CA THR A 29 -13.14 28.44 -5.40
C THR A 29 -13.66 28.18 -6.81
N SER A 30 -12.91 28.56 -7.84
CA SER A 30 -13.32 28.30 -9.24
C SER A 30 -13.24 26.80 -9.56
N LEU A 31 -12.63 25.98 -8.69
CA LEU A 31 -12.72 24.50 -8.80
C LEU A 31 -14.13 24.03 -8.46
N GLU A 32 -14.90 24.78 -7.67
CA GLU A 32 -16.23 24.31 -7.22
C GLU A 32 -17.21 24.33 -8.42
N GLY A 33 -18.06 23.34 -8.51
CA GLY A 33 -19.01 23.22 -9.62
C GLY A 33 -19.25 21.78 -9.97
N SER A 34 -19.64 21.54 -11.23
CA SER A 34 -20.09 20.21 -11.67
C SER A 34 -19.05 19.56 -12.59
N TYR A 35 -18.84 18.27 -12.40
CA TYR A 35 -17.86 17.45 -13.14
C TYR A 35 -18.59 16.21 -13.60
N ASP A 36 -18.00 15.44 -14.52
CA ASP A 36 -18.56 14.11 -14.80
C ASP A 36 -18.16 13.14 -13.68
N TYR A 37 -16.93 13.26 -13.21
CA TYR A 37 -16.39 12.34 -12.17
C TYR A 37 -15.66 13.15 -11.11
N ILE A 38 -15.86 12.73 -9.87
CA ILE A 38 -15.05 13.20 -8.73
C ILE A 38 -14.34 11.98 -8.15
N VAL A 39 -13.03 12.04 -8.06
CA VAL A 39 -12.23 10.93 -7.48
C VAL A 39 -11.63 11.47 -6.19
N ILE A 40 -11.85 10.74 -5.08
CA ILE A 40 -11.45 11.21 -3.72
C ILE A 40 -10.21 10.39 -3.36
N GLY A 41 -9.06 11.04 -3.34
CA GLY A 41 -7.78 10.41 -2.99
C GLY A 41 -6.92 10.24 -4.22
N GLY A 42 -5.86 11.04 -4.31
CA GLY A 42 -4.94 10.99 -5.45
C GLY A 42 -3.85 10.00 -5.15
N GLY A 43 -4.23 8.74 -4.94
CA GLY A 43 -3.24 7.73 -4.59
C GLY A 43 -3.00 6.69 -5.65
N THR A 44 -2.62 5.51 -5.19
CA THR A 44 -2.20 4.36 -6.01
C THR A 44 -3.27 4.06 -7.04
N SER A 45 -4.50 3.83 -6.58
CA SER A 45 -5.65 3.60 -7.46
C SER A 45 -6.18 4.93 -8.00
N GLY A 46 -6.35 5.94 -7.16
CA GLY A 46 -7.00 7.20 -7.56
C GLY A 46 -6.34 7.87 -8.75
N CYS A 47 -5.00 7.96 -8.80
CA CYS A 47 -4.36 8.69 -9.90
C CYS A 47 -4.67 8.01 -11.24
N PRO A 48 -4.33 6.71 -11.47
CA PRO A 48 -4.64 6.07 -12.75
C PRO A 48 -6.14 6.10 -13.09
N LEU A 49 -7.01 5.98 -12.09
CA LEU A 49 -8.45 6.07 -12.31
C LEU A 49 -8.82 7.46 -12.89
N ALA A 50 -8.41 8.54 -12.23
CA ALA A 50 -8.75 9.92 -12.66
C ALA A 50 -8.15 10.15 -14.06
N ALA A 51 -6.89 9.73 -14.29
CA ALA A 51 -6.24 9.89 -15.62
C ALA A 51 -7.08 9.19 -16.70
N THR A 52 -7.50 7.95 -16.44
CA THR A 52 -8.30 7.10 -17.37
C THR A 52 -9.66 7.74 -17.66
N LEU A 53 -10.42 8.15 -16.65
CA LEU A 53 -11.73 8.77 -16.87
C LEU A 53 -11.56 10.08 -17.66
N SER A 54 -10.47 10.81 -17.50
CA SER A 54 -10.23 12.13 -18.13
C SER A 54 -9.99 11.98 -19.65
N GLU A 55 -9.77 10.79 -20.16
CA GLU A 55 -9.63 10.57 -21.63
C GLU A 55 -10.92 11.04 -22.33
N LYS A 56 -12.09 10.88 -21.69
CA LYS A 56 -13.41 11.23 -22.29
C LYS A 56 -14.20 12.28 -21.47
N TYR A 57 -13.97 12.41 -20.16
CA TYR A 57 -14.91 13.13 -19.25
C TYR A 57 -14.18 14.12 -18.37
N LYS A 58 -14.92 15.10 -17.87
CA LYS A 58 -14.37 16.14 -16.97
C LYS A 58 -14.25 15.54 -15.57
N VAL A 59 -13.05 15.59 -15.03
CA VAL A 59 -12.71 14.85 -13.77
C VAL A 59 -12.07 15.83 -12.81
N LEU A 60 -12.51 15.75 -11.55
CA LEU A 60 -11.87 16.44 -10.41
C LEU A 60 -11.27 15.35 -9.52
N LEU A 61 -9.98 15.44 -9.30
CA LEU A 61 -9.25 14.59 -8.34
C LEU A 61 -8.93 15.43 -7.10
N LEU A 62 -9.39 15.00 -5.95
CA LEU A 62 -9.19 15.73 -4.67
C LEU A 62 -8.20 14.94 -3.82
N GLU A 63 -7.09 15.55 -3.44
CA GLU A 63 -6.06 14.89 -2.58
C GLU A 63 -5.80 15.76 -1.35
N ARG A 64 -5.83 15.15 -0.15
CA ARG A 64 -5.64 15.89 1.11
C ARG A 64 -4.20 16.36 1.23
N GLY A 65 -3.22 15.62 0.68
CA GLY A 65 -1.83 16.03 0.80
C GLY A 65 -1.43 17.10 -0.22
N THR A 66 -0.17 17.49 -0.13
CA THR A 66 0.46 18.43 -1.10
C THR A 66 1.15 17.64 -2.23
N ILE A 67 1.99 18.33 -2.98
CA ILE A 67 2.75 17.77 -4.13
C ILE A 67 4.14 17.32 -3.64
N ALA A 68 4.64 16.21 -4.21
CA ALA A 68 5.87 15.50 -3.81
C ALA A 68 7.10 16.38 -3.99
N THR A 69 7.03 17.42 -4.81
CA THR A 69 8.14 18.40 -4.97
C THR A 69 8.45 19.10 -3.65
N GLU A 70 7.47 19.24 -2.76
CA GLU A 70 7.66 19.90 -1.45
C GLU A 70 8.55 19.04 -0.55
N TYR A 71 8.69 17.74 -0.82
CA TYR A 71 9.41 16.77 0.05
C TYR A 71 10.32 15.95 -0.85
N PRO A 72 11.47 16.54 -1.26
CA PRO A 72 12.33 15.89 -2.24
C PRO A 72 12.83 14.49 -1.87
N ASN A 73 12.88 14.15 -0.59
CA ASN A 73 13.35 12.83 -0.08
C ASN A 73 12.33 11.73 -0.48
N THR A 74 11.16 12.08 -0.98
CA THR A 74 10.20 11.10 -1.55
C THR A 74 10.63 10.71 -2.96
N LEU A 75 11.61 11.38 -3.59
CA LEU A 75 11.82 11.15 -5.04
C LEU A 75 13.07 10.30 -5.32
N THR A 76 13.74 9.79 -4.30
CA THR A 76 14.92 8.90 -4.49
C THR A 76 14.82 7.67 -3.58
N ALA A 77 15.42 6.57 -4.02
CA ALA A 77 15.60 5.35 -3.20
C ALA A 77 16.25 5.72 -1.88
N ASP A 78 17.29 6.55 -1.87
CA ASP A 78 18.06 6.68 -0.60
C ASP A 78 17.34 7.65 0.35
N GLY A 79 16.22 8.27 -0.06
CA GLY A 79 15.34 9.06 0.83
C GLY A 79 14.30 8.25 1.58
N PHE A 80 14.16 6.95 1.31
CA PHE A 80 13.05 6.13 1.87
C PHE A 80 13.00 6.26 3.38
N ALA A 81 14.14 6.06 4.07
CA ALA A 81 14.17 6.03 5.54
C ALA A 81 13.89 7.44 6.08
N TYR A 82 14.34 8.46 5.37
CA TYR A 82 14.20 9.88 5.78
C TYR A 82 12.72 10.22 6.00
N ASN A 83 11.86 9.77 5.08
CA ASN A 83 10.41 10.07 5.14
C ASN A 83 9.80 9.44 6.37
N LEU A 84 10.25 8.23 6.77
CA LEU A 84 9.72 7.54 7.98
C LEU A 84 10.33 8.16 9.25
N GLN A 85 11.56 8.69 9.18
CA GLN A 85 12.24 9.32 10.34
C GLN A 85 11.63 10.67 10.68
N GLN A 86 11.13 11.37 9.67
CA GLN A 86 10.63 12.76 9.78
C GLN A 86 9.41 12.78 10.70
N GLN A 87 9.36 13.71 11.63
CA GLN A 87 8.20 13.93 12.52
C GLN A 87 6.96 14.28 11.69
N ASP A 88 5.81 13.72 12.06
CA ASP A 88 4.51 13.95 11.43
C ASP A 88 3.93 15.26 11.98
N ASP A 89 4.03 16.35 11.23
CA ASP A 89 3.51 17.67 11.67
C ASP A 89 2.12 17.92 11.08
N GLY A 90 1.45 16.91 10.51
CA GLY A 90 0.15 17.07 9.84
C GLY A 90 0.25 17.43 8.35
N LYS A 91 1.43 17.79 7.85
CA LYS A 91 1.67 18.29 6.49
C LYS A 91 2.58 17.31 5.72
N THR A 92 3.33 16.46 6.43
CA THR A 92 4.38 15.58 5.87
C THR A 92 3.75 14.48 5.03
N PRO A 93 4.51 13.89 4.06
CA PRO A 93 3.99 12.85 3.18
C PRO A 93 3.63 11.54 3.90
N VAL A 94 4.26 11.34 5.05
CA VAL A 94 4.06 10.17 5.94
C VAL A 94 3.22 10.63 7.13
N GLU A 95 2.05 10.06 7.25
CA GLU A 95 1.20 10.16 8.46
C GLU A 95 1.45 8.92 9.35
N ARG A 96 1.81 9.16 10.60
CA ARG A 96 2.07 8.12 11.62
C ARG A 96 0.74 7.67 12.24
N PHE A 97 0.59 6.39 12.52
CA PHE A 97 -0.49 5.93 13.42
C PHE A 97 0.00 4.70 14.18
N VAL A 98 -0.74 4.37 15.23
CA VAL A 98 -0.53 3.15 16.03
C VAL A 98 -1.87 2.39 16.07
N SER A 99 -1.85 1.13 15.67
CA SER A 99 -3.07 0.32 15.68
C SER A 99 -3.45 0.11 17.15
N GLU A 100 -4.68 -0.30 17.43
CA GLU A 100 -5.11 -0.59 18.81
C GLU A 100 -4.36 -1.83 19.31
N ASP A 101 -3.70 -2.58 18.42
CA ASP A 101 -2.83 -3.74 18.80
C ASP A 101 -1.50 -3.25 19.38
N GLY A 102 -1.13 -1.98 19.21
CA GLY A 102 0.12 -1.40 19.73
C GLY A 102 1.22 -1.38 18.70
N ILE A 103 0.90 -1.57 17.41
CA ILE A 103 1.97 -1.69 16.38
C ILE A 103 2.02 -0.38 15.56
N ASP A 104 3.19 0.23 15.53
CA ASP A 104 3.44 1.48 14.79
C ASP A 104 3.23 1.23 13.29
N ASN A 105 2.68 2.22 12.60
CA ASN A 105 2.34 2.08 11.18
C ASN A 105 2.36 3.46 10.55
N VAL A 106 2.24 3.51 9.23
CA VAL A 106 2.19 4.77 8.48
C VAL A 106 1.27 4.59 7.29
N ARG A 107 0.71 5.71 6.85
CA ARG A 107 0.01 5.83 5.56
C ARG A 107 0.47 7.14 4.88
N ALA A 108 0.23 7.25 3.57
CA ALA A 108 0.66 8.42 2.80
C ALA A 108 -0.35 9.57 2.94
N ARG A 109 0.17 10.79 2.86
CA ARG A 109 -0.60 12.05 2.80
C ARG A 109 0.05 12.94 1.73
N ILE A 110 -0.16 12.62 0.45
CA ILE A 110 0.65 13.24 -0.63
C ILE A 110 0.04 12.84 -1.96
N LEU A 111 0.13 13.71 -2.99
CA LEU A 111 -0.37 13.38 -4.34
C LEU A 111 0.54 12.29 -4.95
N GLY A 112 -0.05 11.13 -5.24
CA GLY A 112 0.61 9.86 -5.60
C GLY A 112 0.42 8.81 -4.52
N GLY A 113 0.01 9.24 -3.33
CA GLY A 113 -0.36 8.32 -2.25
C GLY A 113 0.81 7.47 -1.83
N THR A 114 0.55 6.22 -1.54
CA THR A 114 1.56 5.39 -0.85
C THR A 114 2.69 5.03 -1.84
N THR A 115 2.48 5.16 -3.15
CA THR A 115 3.55 4.93 -4.15
C THR A 115 4.66 6.00 -4.00
N ILE A 116 4.40 7.10 -3.30
CA ILE A 116 5.43 8.16 -3.15
C ILE A 116 6.33 7.84 -1.95
N ILE A 117 5.91 6.97 -1.02
CA ILE A 117 6.68 6.71 0.23
C ILE A 117 7.07 5.22 0.32
N ASN A 118 6.70 4.37 -0.62
CA ASN A 118 6.81 2.91 -0.38
C ASN A 118 8.22 2.37 -0.77
N ALA A 119 8.40 1.04 -0.69
CA ALA A 119 9.72 0.39 -0.86
C ALA A 119 9.95 -0.02 -2.32
N GLY A 120 9.05 0.39 -3.22
CA GLY A 120 9.24 0.33 -4.67
C GLY A 120 9.04 -1.03 -5.34
N VAL A 121 8.72 -2.06 -4.58
CA VAL A 121 8.71 -3.44 -5.15
C VAL A 121 7.48 -3.54 -6.05
N TYR A 122 7.68 -3.99 -7.29
CA TYR A 122 6.59 -4.15 -8.25
C TYR A 122 6.40 -5.62 -8.62
N ALA A 123 5.15 -6.06 -8.53
CA ALA A 123 4.74 -7.42 -8.95
C ALA A 123 3.29 -7.36 -9.46
N ARG A 124 2.98 -8.23 -10.42
CA ARG A 124 1.56 -8.48 -10.80
C ARG A 124 0.90 -9.42 -9.79
N ALA A 125 -0.43 -9.39 -9.73
CA ALA A 125 -1.25 -10.32 -8.93
C ALA A 125 -0.96 -11.75 -9.35
N ASN A 126 -0.88 -12.63 -8.38
CA ASN A 126 -1.05 -14.10 -8.53
C ASN A 126 -2.11 -14.37 -9.61
N ILE A 127 -1.79 -15.04 -10.71
CA ILE A 127 -2.75 -15.20 -11.84
C ILE A 127 -3.98 -16.02 -11.42
N SER A 128 -3.95 -16.75 -10.29
CA SER A 128 -5.14 -17.47 -9.74
C SER A 128 -6.06 -16.51 -8.98
N PHE A 129 -5.63 -15.30 -8.67
CA PHE A 129 -6.41 -14.41 -7.78
C PHE A 129 -7.75 -14.10 -8.43
N TYR A 130 -7.76 -13.88 -9.75
CA TYR A 130 -8.96 -13.36 -10.45
C TYR A 130 -10.10 -14.37 -10.27
N SER A 131 -9.82 -15.64 -10.51
CA SER A 131 -10.85 -16.71 -10.47
C SER A 131 -11.29 -16.90 -9.00
N GLN A 132 -10.40 -16.75 -8.03
CA GLN A 132 -10.75 -16.86 -6.59
C GLN A 132 -11.77 -15.77 -6.19
N THR A 133 -11.75 -14.59 -6.83
CA THR A 133 -12.66 -13.47 -6.44
C THR A 133 -14.11 -13.77 -6.88
N GLY A 134 -14.29 -14.52 -7.97
CA GLY A 134 -15.59 -14.72 -8.62
C GLY A 134 -16.09 -13.48 -9.35
N ILE A 135 -15.28 -12.43 -9.47
CA ILE A 135 -15.60 -11.28 -10.34
C ILE A 135 -15.36 -11.74 -11.78
N GLU A 136 -16.23 -11.34 -12.71
CA GLU A 136 -16.03 -11.56 -14.15
C GLU A 136 -15.01 -10.56 -14.67
N TRP A 137 -13.73 -10.85 -14.55
CA TRP A 137 -12.69 -9.90 -15.04
C TRP A 137 -12.54 -10.05 -16.55
N ASP A 138 -12.24 -8.95 -17.22
CA ASP A 138 -11.70 -8.96 -18.59
C ASP A 138 -10.18 -9.18 -18.49
N LEU A 139 -9.73 -10.43 -18.58
CA LEU A 139 -8.33 -10.78 -18.22
C LEU A 139 -7.36 -10.26 -19.27
N ASP A 140 -7.75 -10.22 -20.54
CA ASP A 140 -6.87 -9.59 -21.56
C ASP A 140 -6.70 -8.11 -21.18
N LEU A 141 -7.78 -7.41 -20.80
CA LEU A 141 -7.71 -5.98 -20.47
C LEU A 141 -6.82 -5.77 -19.22
N VAL A 142 -6.96 -6.67 -18.25
CA VAL A 142 -6.11 -6.65 -17.02
C VAL A 142 -4.63 -6.63 -17.44
N ASN A 143 -4.23 -7.54 -18.32
CA ASN A 143 -2.82 -7.64 -18.77
C ASN A 143 -2.41 -6.39 -19.54
N LYS A 144 -3.27 -5.86 -20.41
CA LYS A 144 -2.96 -4.63 -21.19
C LYS A 144 -2.72 -3.49 -20.19
N THR A 145 -3.53 -3.43 -19.14
CA THR A 145 -3.47 -2.36 -18.12
C THR A 145 -2.19 -2.49 -17.30
N TYR A 146 -1.77 -3.71 -16.93
CA TYR A 146 -0.44 -3.92 -16.31
C TYR A 146 0.66 -3.30 -17.20
N GLU A 147 0.62 -3.55 -18.51
CA GLU A 147 1.69 -3.05 -19.45
C GLU A 147 1.65 -1.52 -19.50
N TRP A 148 0.46 -0.91 -19.47
CA TRP A 148 0.29 0.57 -19.45
C TRP A 148 1.00 1.13 -18.22
N VAL A 149 0.77 0.53 -17.05
CA VAL A 149 1.49 0.96 -15.81
C VAL A 149 2.99 0.70 -16.01
N GLU A 150 3.37 -0.53 -16.36
CA GLU A 150 4.79 -0.97 -16.35
C GLU A 150 5.61 -0.08 -17.29
N ASP A 151 5.05 0.21 -18.46
CA ASP A 151 5.69 1.03 -19.53
C ASP A 151 5.98 2.43 -18.98
N ALA A 152 5.19 2.93 -18.03
CA ALA A 152 5.34 4.27 -17.49
C ALA A 152 6.32 4.29 -16.33
N ILE A 153 6.26 3.33 -15.39
CA ILE A 153 6.93 3.58 -14.07
C ILE A 153 7.73 2.38 -13.56
N VAL A 154 7.80 1.25 -14.28
CA VAL A 154 8.50 0.04 -13.74
C VAL A 154 9.79 -0.23 -14.53
N VAL A 155 10.88 -0.55 -13.85
CA VAL A 155 12.13 -0.95 -14.54
C VAL A 155 12.49 -2.38 -14.13
N LYS A 156 13.28 -3.02 -14.99
CA LYS A 156 14.11 -4.18 -14.61
C LYS A 156 15.25 -3.66 -13.76
N PRO A 157 15.37 -4.05 -12.48
CA PRO A 157 16.42 -3.49 -11.64
C PRO A 157 17.82 -3.97 -12.06
N ASN A 158 18.83 -3.13 -11.88
CA ASN A 158 20.26 -3.52 -11.98
C ASN A 158 20.63 -4.47 -10.82
N ASN A 159 21.73 -5.21 -10.98
CA ASN A 159 22.35 -6.07 -9.94
C ASN A 159 22.63 -5.25 -8.70
N GLN A 160 22.30 -5.79 -7.54
CA GLN A 160 22.71 -5.22 -6.25
C GLN A 160 23.31 -6.35 -5.43
N SER A 161 24.51 -6.16 -4.88
CA SER A 161 25.28 -7.29 -4.29
C SER A 161 24.45 -8.00 -3.21
N TRP A 162 23.81 -7.26 -2.31
CA TRP A 162 23.07 -7.85 -1.17
C TRP A 162 21.88 -8.64 -1.70
N GLN A 163 21.19 -8.13 -2.73
CA GLN A 163 20.01 -8.82 -3.30
C GLN A 163 20.46 -10.14 -3.95
N SER A 164 21.60 -10.14 -4.64
CA SER A 164 22.17 -11.36 -5.27
C SER A 164 22.56 -12.36 -4.17
N VAL A 165 23.14 -11.91 -3.06
CA VAL A 165 23.46 -12.81 -1.90
C VAL A 165 22.15 -13.44 -1.45
N ILE A 166 21.11 -12.62 -1.24
CA ILE A 166 19.84 -13.13 -0.69
C ILE A 166 19.19 -14.11 -1.67
N GLY A 167 19.21 -13.83 -2.96
CA GLY A 167 18.62 -14.70 -3.98
C GLY A 167 19.36 -16.03 -4.03
N GLU A 168 20.68 -16.00 -3.96
CA GLU A 168 21.50 -17.24 -3.88
C GLU A 168 21.12 -18.01 -2.61
N GLY A 169 20.89 -17.32 -1.52
CA GLY A 169 20.51 -17.93 -0.26
C GLY A 169 19.13 -18.55 -0.31
N PHE A 170 18.13 -17.84 -0.81
CA PHE A 170 16.77 -18.41 -1.01
C PHE A 170 16.86 -19.72 -1.83
N LEU A 171 17.63 -19.72 -2.92
CA LEU A 171 17.78 -20.91 -3.80
C LEU A 171 18.45 -22.04 -2.99
N GLU A 172 19.52 -21.73 -2.24
CA GLU A 172 20.21 -22.77 -1.41
C GLU A 172 19.29 -23.27 -0.31
N ALA A 173 18.32 -22.46 0.16
CA ALA A 173 17.48 -22.81 1.31
C ALA A 173 16.24 -23.56 0.84
N GLY A 174 16.10 -23.73 -0.46
CA GLY A 174 15.09 -24.62 -1.05
C GLY A 174 13.93 -23.84 -1.59
N ILE A 175 14.07 -22.53 -1.81
CA ILE A 175 12.93 -21.73 -2.36
C ILE A 175 13.09 -21.74 -3.87
N LEU A 176 12.53 -22.78 -4.48
CA LEU A 176 12.76 -23.15 -5.90
C LEU A 176 11.42 -23.08 -6.63
N PRO A 177 11.39 -22.90 -7.96
CA PRO A 177 12.62 -22.84 -8.77
C PRO A 177 13.27 -21.46 -8.83
N ASP A 178 14.36 -21.33 -9.58
CA ASP A 178 14.97 -20.05 -9.99
C ASP A 178 14.12 -19.48 -11.12
N ASN A 179 13.38 -18.40 -10.89
CA ASN A 179 12.48 -17.83 -11.93
C ASN A 179 13.18 -16.72 -12.72
N GLY A 180 14.45 -16.42 -12.45
CA GLY A 180 15.16 -15.32 -13.12
C GLY A 180 14.44 -13.98 -12.88
N PHE A 181 14.35 -13.15 -13.91
CA PHE A 181 13.67 -11.84 -13.82
C PHE A 181 12.23 -12.03 -14.30
N SER A 182 11.27 -11.72 -13.43
CA SER A 182 9.83 -11.90 -13.73
C SER A 182 9.01 -11.00 -12.80
N LEU A 183 7.97 -10.40 -13.35
CA LEU A 183 7.02 -9.56 -12.56
C LEU A 183 5.95 -10.46 -11.90
N ASP A 184 5.92 -11.76 -12.21
CA ASP A 184 4.78 -12.59 -11.76
C ASP A 184 4.98 -13.11 -10.33
N HIS A 185 3.93 -13.04 -9.52
CA HIS A 185 3.86 -13.73 -8.22
C HIS A 185 3.76 -15.25 -8.46
N GLU A 186 4.88 -15.95 -8.35
CA GLU A 186 5.01 -17.40 -8.55
C GLU A 186 5.95 -17.97 -7.50
N ALA A 187 5.71 -19.21 -7.09
CA ALA A 187 6.59 -19.95 -6.17
C ALA A 187 8.01 -19.89 -6.72
N GLY A 188 8.98 -19.70 -5.81
CA GLY A 188 10.40 -19.72 -6.14
C GLY A 188 11.06 -18.38 -5.92
N THR A 189 12.29 -18.26 -6.40
CA THR A 189 13.15 -17.07 -6.20
C THR A 189 13.24 -16.31 -7.52
N ARG A 190 13.05 -14.99 -7.44
CA ARG A 190 13.08 -14.20 -8.68
C ARG A 190 13.63 -12.82 -8.41
N LEU A 191 14.05 -12.17 -9.49
CA LEU A 191 14.23 -10.71 -9.51
C LEU A 191 12.91 -10.14 -10.00
N THR A 192 12.29 -9.20 -9.28
CA THR A 192 11.01 -8.58 -9.75
C THR A 192 11.31 -7.15 -10.20
N GLY A 193 10.29 -6.44 -10.62
CA GLY A 193 10.39 -5.05 -11.06
C GLY A 193 10.47 -4.09 -9.88
N SER A 194 10.77 -2.84 -10.17
CA SER A 194 10.84 -1.78 -9.13
C SER A 194 10.31 -0.49 -9.72
N THR A 195 9.70 0.33 -8.87
CA THR A 195 9.25 1.68 -9.25
C THR A 195 10.37 2.68 -8.94
N PHE A 196 11.50 2.20 -8.42
CA PHE A 196 12.78 2.96 -8.37
C PHE A 196 13.53 2.67 -9.67
N ASP A 197 14.04 3.67 -10.41
CA ASP A 197 14.71 3.36 -11.70
C ASP A 197 16.17 3.00 -11.40
N ASN A 198 16.97 2.71 -12.42
CA ASN A 198 18.38 2.26 -12.20
C ASN A 198 19.26 3.41 -11.68
N ASN A 199 18.81 4.66 -11.72
CA ASN A 199 19.55 5.80 -11.09
C ASN A 199 19.05 6.06 -9.66
N GLY A 200 18.09 5.28 -9.17
CA GLY A 200 17.51 5.50 -7.82
C GLY A 200 16.41 6.55 -7.84
N THR A 201 15.97 7.04 -9.01
CA THR A 201 14.82 7.97 -9.10
C THR A 201 13.51 7.20 -8.81
N ARG A 202 12.71 7.70 -7.89
CA ARG A 202 11.39 7.10 -7.63
C ARG A 202 10.42 7.51 -8.75
N HIS A 203 9.69 6.52 -9.29
CA HIS A 203 8.53 6.69 -10.18
C HIS A 203 7.29 6.25 -9.39
N ALA A 204 6.15 6.88 -9.64
CA ALA A 204 4.98 6.74 -8.73
C ALA A 204 3.69 7.03 -9.46
N ALA A 205 2.56 6.80 -8.78
CA ALA A 205 1.21 6.86 -9.36
C ALA A 205 0.92 8.28 -9.84
N ASP A 206 1.55 9.29 -9.25
CA ASP A 206 1.31 10.69 -9.69
C ASP A 206 1.72 10.82 -11.16
N GLU A 207 2.74 10.08 -11.61
CA GLU A 207 3.24 10.24 -13.00
C GLU A 207 2.19 9.72 -13.96
N LEU A 208 1.29 8.83 -13.50
CA LEU A 208 0.21 8.31 -14.35
C LEU A 208 -0.81 9.44 -14.68
N LEU A 209 -0.84 10.53 -13.93
CA LEU A 209 -1.67 11.73 -14.24
C LEU A 209 -1.22 12.32 -15.59
N ASN A 210 0.04 12.10 -15.99
CA ASN A 210 0.61 12.56 -17.28
C ASN A 210 -0.09 11.87 -18.45
N LYS A 211 -0.77 10.75 -18.22
CA LYS A 211 -1.51 10.01 -19.25
C LYS A 211 -2.93 10.58 -19.35
N GLY A 212 -3.33 11.47 -18.45
CA GLY A 212 -4.66 12.10 -18.48
C GLY A 212 -4.76 13.13 -19.61
N ASP A 213 -5.97 13.55 -19.94
CA ASP A 213 -6.19 14.63 -20.93
C ASP A 213 -6.14 15.95 -20.15
N PRO A 214 -5.15 16.84 -20.40
CA PRO A 214 -4.98 18.05 -19.63
C PRO A 214 -6.09 19.10 -19.80
N ASN A 215 -6.95 18.95 -20.82
CA ASN A 215 -8.19 19.78 -20.98
C ASN A 215 -9.32 19.23 -20.15
N ASN A 216 -9.22 18.01 -19.61
CA ASN A 216 -10.36 17.39 -18.93
C ASN A 216 -10.11 17.11 -17.44
N LEU A 217 -8.86 16.98 -17.05
CA LEU A 217 -8.50 16.59 -15.65
C LEU A 217 -8.09 17.83 -14.87
N LEU A 218 -8.66 17.99 -13.67
CA LEU A 218 -8.21 19.01 -12.70
C LEU A 218 -7.91 18.30 -11.38
N VAL A 219 -6.82 18.69 -10.73
CA VAL A 219 -6.38 18.10 -9.44
C VAL A 219 -6.33 19.23 -8.43
N ALA A 220 -7.02 19.05 -7.31
CA ALA A 220 -6.95 19.96 -6.16
C ALA A 220 -6.16 19.24 -5.08
N VAL A 221 -5.08 19.87 -4.61
CA VAL A 221 -4.24 19.39 -3.48
C VAL A 221 -4.57 20.20 -2.22
N GLN A 222 -4.23 19.62 -1.09
CA GLN A 222 -4.63 20.11 0.26
C GLN A 222 -6.14 20.27 0.23
N ALA A 223 -6.81 19.25 -0.31
CA ALA A 223 -8.29 19.15 -0.36
C ALA A 223 -8.73 18.01 0.55
N SER A 224 -9.22 18.29 1.75
CA SER A 224 -9.63 17.24 2.73
C SER A 224 -11.09 17.01 2.50
N VAL A 225 -11.45 15.87 1.92
CA VAL A 225 -12.86 15.55 1.62
C VAL A 225 -13.50 15.09 2.93
N GLU A 226 -14.56 15.78 3.35
CA GLU A 226 -15.14 15.61 4.70
C GLU A 226 -16.44 14.84 4.59
N LYS A 227 -17.14 14.96 3.46
CA LYS A 227 -18.48 14.39 3.33
C LYS A 227 -18.79 14.12 1.86
N ILE A 228 -19.42 12.98 1.62
CA ILE A 228 -20.12 12.64 0.35
C ILE A 228 -21.55 13.19 0.48
N LEU A 229 -21.97 14.01 -0.47
CA LEU A 229 -23.35 14.56 -0.57
C LEU A 229 -24.24 13.60 -1.35
N PHE A 230 -25.48 13.42 -0.90
CA PHE A 230 -26.47 12.53 -1.52
C PHE A 230 -27.73 13.31 -1.95
N SER A 231 -28.42 12.76 -2.96
CA SER A 231 -29.76 13.18 -3.46
C SER A 231 -30.77 13.31 -2.31
N ASN A 236 -34.43 6.28 -4.57
CA ASN A 236 -33.57 6.73 -5.71
C ASN A 236 -32.24 7.29 -5.16
N LEU A 237 -31.67 6.69 -4.14
CA LEU A 237 -30.54 7.31 -3.38
C LEU A 237 -29.32 7.37 -4.29
N SER A 238 -28.78 8.57 -4.52
CA SER A 238 -27.59 8.82 -5.39
C SER A 238 -26.57 9.69 -4.69
N ALA A 239 -25.29 9.44 -4.95
CA ALA A 239 -24.20 10.38 -4.60
C ALA A 239 -24.29 11.52 -5.61
N ILE A 240 -24.15 12.76 -5.17
CA ILE A 240 -24.22 13.94 -6.08
C ILE A 240 -22.95 14.77 -5.95
N GLY A 241 -22.12 14.54 -4.92
CA GLY A 241 -21.03 15.48 -4.69
C GLY A 241 -20.30 15.22 -3.39
N VAL A 242 -19.46 16.17 -3.04
CA VAL A 242 -18.58 16.16 -1.84
C VAL A 242 -18.51 17.57 -1.27
N ILE A 243 -18.24 17.62 0.02
CA ILE A 243 -17.71 18.81 0.72
C ILE A 243 -16.25 18.55 1.00
N TYR A 244 -15.41 19.53 0.74
CA TYR A 244 -13.97 19.47 1.12
C TYR A 244 -13.52 20.80 1.66
N THR A 245 -12.54 20.73 2.55
CA THR A 245 -11.95 21.91 3.19
C THR A 245 -10.57 22.05 2.61
N ASP A 246 -10.09 23.28 2.59
CA ASP A 246 -8.77 23.66 2.07
C ASP A 246 -7.83 23.85 3.27
N SER A 247 -6.57 24.16 3.01
CA SER A 247 -5.50 24.25 4.04
C SER A 247 -5.73 25.45 4.96
N ASP A 248 -6.58 26.42 4.58
CA ASP A 248 -6.96 27.59 5.45
C ASP A 248 -8.15 27.21 6.31
N GLY A 249 -8.78 26.06 6.05
CA GLY A 249 -9.99 25.63 6.78
C GLY A 249 -11.32 26.00 6.14
N ASN A 250 -11.35 26.78 5.06
CA ASN A 250 -12.61 27.09 4.32
C ASN A 250 -13.16 25.86 3.58
N SER A 251 -14.48 25.86 3.47
CA SER A 251 -15.28 24.75 2.92
C SER A 251 -15.52 25.04 1.43
N HIS A 252 -15.74 23.97 0.71
CA HIS A 252 -15.93 23.97 -0.77
C HIS A 252 -16.89 22.84 -1.13
N GLN A 253 -17.63 22.98 -2.23
CA GLN A 253 -18.47 21.88 -2.73
C GLN A 253 -18.16 21.63 -4.21
N ALA A 254 -18.16 20.37 -4.61
CA ALA A 254 -18.14 19.96 -6.03
C ALA A 254 -19.21 18.89 -6.25
N PHE A 255 -19.74 18.81 -7.46
CA PHE A 255 -20.85 17.91 -7.76
C PHE A 255 -20.53 17.13 -9.03
N VAL A 256 -21.19 15.98 -9.17
CA VAL A 256 -21.20 15.22 -10.45
C VAL A 256 -22.49 15.58 -11.18
N ARG A 257 -22.51 15.37 -12.49
CA ARG A 257 -23.68 15.73 -13.32
C ARG A 257 -24.07 14.52 -14.16
N GLY A 258 -25.34 14.50 -14.58
CA GLY A 258 -25.86 13.48 -15.52
C GLY A 258 -25.50 12.09 -15.06
N ASN A 259 -24.82 11.32 -15.90
CA ASN A 259 -24.60 9.88 -15.65
C ASN A 259 -23.25 9.69 -14.94
N GLY A 260 -22.69 10.77 -14.37
CA GLY A 260 -21.39 10.79 -13.70
C GLY A 260 -21.43 10.12 -12.32
N GLU A 261 -20.27 9.97 -11.70
CA GLU A 261 -20.15 9.19 -10.46
C GLU A 261 -19.06 9.78 -9.57
N VAL A 262 -19.24 9.59 -8.27
CA VAL A 262 -18.19 9.85 -7.26
C VAL A 262 -17.49 8.52 -7.00
N ILE A 263 -16.17 8.55 -6.97
CA ILE A 263 -15.37 7.35 -6.63
C ILE A 263 -14.49 7.65 -5.42
N VAL A 264 -14.57 6.81 -4.40
CA VAL A 264 -13.70 6.91 -3.19
C VAL A 264 -12.47 6.03 -3.38
N SER A 265 -11.27 6.62 -3.33
CA SER A 265 -9.96 6.01 -3.55
C SER A 265 -9.05 6.47 -2.42
N ALA A 266 -9.62 6.59 -1.20
CA ALA A 266 -8.97 7.25 -0.05
C ALA A 266 -8.19 6.22 0.82
N GLY A 267 -8.13 4.97 0.37
CA GLY A 267 -7.30 3.91 0.96
C GLY A 267 -8.06 3.12 2.01
N THR A 268 -7.41 2.08 2.49
CA THR A 268 -7.96 1.18 3.50
C THR A 268 -8.48 1.98 4.70
N ILE A 269 -7.76 3.03 5.12
CA ILE A 269 -8.17 3.83 6.30
C ILE A 269 -9.14 4.94 5.90
N GLY A 270 -8.82 5.70 4.83
CA GLY A 270 -9.59 6.88 4.44
C GLY A 270 -10.96 6.54 3.91
N THR A 271 -11.09 5.45 3.17
CA THR A 271 -12.37 5.15 2.49
C THR A 271 -13.45 4.82 3.52
N PRO A 272 -13.26 3.84 4.42
CA PRO A 272 -14.28 3.55 5.42
C PRO A 272 -14.53 4.76 6.31
N GLN A 273 -13.49 5.51 6.65
CA GLN A 273 -13.71 6.74 7.46
C GLN A 273 -14.71 7.65 6.74
N LEU A 274 -14.51 7.93 5.46
CA LEU A 274 -15.39 8.93 4.77
C LEU A 274 -16.80 8.35 4.63
N LEU A 275 -16.92 7.05 4.35
CA LEU A 275 -18.24 6.39 4.22
C LEU A 275 -19.00 6.51 5.55
N LEU A 276 -18.37 6.17 6.66
CA LEU A 276 -19.02 6.34 8.00
C LEU A 276 -19.42 7.80 8.26
N LEU A 277 -18.53 8.75 8.07
CA LEU A 277 -18.81 10.20 8.23
C LEU A 277 -19.99 10.64 7.36
N SER A 278 -20.24 9.97 6.23
CA SER A 278 -21.29 10.36 5.25
C SER A 278 -22.60 9.61 5.53
N GLY A 279 -22.66 8.80 6.59
CA GLY A 279 -23.84 7.99 6.95
C GLY A 279 -24.01 6.70 6.17
N VAL A 280 -22.93 6.15 5.62
CA VAL A 280 -22.95 4.81 4.97
C VAL A 280 -22.20 3.86 5.90
N GLY A 281 -22.91 2.91 6.48
CA GLY A 281 -22.27 2.11 7.54
C GLY A 281 -23.32 1.48 8.46
N PRO A 282 -22.85 0.82 9.53
CA PRO A 282 -23.71 -0.01 10.36
C PRO A 282 -24.71 0.91 11.08
N GLU A 283 -25.98 0.54 11.03
CA GLU A 283 -27.12 1.36 11.51
C GLU A 283 -27.01 1.59 13.02
N SER A 284 -26.71 0.55 13.81
CA SER A 284 -26.64 0.69 15.29
C SER A 284 -25.41 1.54 15.64
N TYR A 285 -24.28 1.35 14.97
CA TYR A 285 -23.02 2.10 15.22
C TYR A 285 -23.25 3.58 14.91
N LEU A 286 -23.71 3.90 13.68
CA LEU A 286 -23.94 5.31 13.28
C LEU A 286 -24.99 5.96 14.18
N SER A 287 -26.10 5.27 14.47
CA SER A 287 -27.18 5.82 15.32
C SER A 287 -26.62 6.14 16.71
N SER A 288 -25.73 5.30 17.23
CA SER A 288 -25.10 5.50 18.56
C SER A 288 -24.22 6.75 18.54
N LEU A 289 -23.70 7.18 17.37
CA LEU A 289 -22.90 8.43 17.25
C LEU A 289 -23.79 9.62 16.85
N ASN A 290 -25.07 9.42 16.63
CA ASN A 290 -26.06 10.44 16.14
C ASN A 290 -25.67 10.91 14.75
N ILE A 291 -25.06 10.02 13.97
CA ILE A 291 -24.83 10.28 12.52
C ILE A 291 -26.07 9.74 11.79
N THR A 292 -26.74 10.61 11.04
CA THR A 292 -27.92 10.20 10.26
C THR A 292 -27.49 9.14 9.26
N VAL A 293 -28.17 7.99 9.27
CA VAL A 293 -27.94 6.84 8.35
C VAL A 293 -28.52 7.16 6.97
N VAL A 294 -27.68 7.22 5.96
CA VAL A 294 -28.11 7.48 4.56
C VAL A 294 -28.28 6.10 3.91
N GLN A 295 -27.38 5.17 4.22
CA GLN A 295 -27.42 3.79 3.70
C GLN A 295 -26.88 2.85 4.77
N PRO A 296 -27.74 2.01 5.37
CA PRO A 296 -27.28 1.03 6.32
C PRO A 296 -26.47 -0.05 5.59
N ASN A 297 -25.33 -0.40 6.15
CA ASN A 297 -24.48 -1.51 5.68
C ASN A 297 -23.61 -1.93 6.85
N PRO A 298 -23.84 -3.13 7.41
CA PRO A 298 -23.10 -3.55 8.60
C PRO A 298 -21.60 -3.80 8.38
N TYR A 299 -21.09 -3.64 7.15
CA TYR A 299 -19.70 -4.07 6.83
C TYR A 299 -18.74 -2.92 6.57
N VAL A 300 -19.20 -1.67 6.62
CA VAL A 300 -18.29 -0.54 6.32
C VAL A 300 -17.33 -0.41 7.51
N GLY A 301 -16.02 -0.47 7.25
CA GLY A 301 -15.00 -0.48 8.30
C GLY A 301 -14.78 -1.85 8.91
N GLN A 302 -15.44 -2.88 8.42
CA GLN A 302 -15.22 -4.28 8.88
C GLN A 302 -14.31 -4.99 7.88
N PHE A 303 -13.67 -6.05 8.33
CA PHE A 303 -12.75 -6.92 7.54
C PHE A 303 -11.57 -6.07 7.09
N VAL A 304 -10.88 -5.53 8.07
CA VAL A 304 -9.65 -4.75 7.85
C VAL A 304 -8.48 -5.63 8.27
N TYR A 305 -7.50 -5.77 7.39
CA TYR A 305 -6.42 -6.78 7.49
C TYR A 305 -5.05 -6.10 7.45
N ASP A 306 -4.09 -6.60 8.22
CA ASP A 306 -2.67 -6.17 8.06
C ASP A 306 -1.79 -7.42 8.04
N ASN A 307 -1.18 -7.73 6.90
CA ASN A 307 -0.27 -8.90 6.85
C ASN A 307 0.87 -8.65 7.80
N PRO A 308 1.12 -9.60 8.73
CA PRO A 308 2.31 -9.55 9.60
C PRO A 308 3.66 -9.54 8.88
N ARG A 309 4.56 -8.72 9.37
CA ARG A 309 6.01 -8.74 9.03
C ARG A 309 6.73 -9.31 10.24
N ASN A 310 7.51 -10.36 10.05
CA ASN A 310 8.41 -10.87 11.11
C ASN A 310 9.81 -10.90 10.51
N PHE A 311 10.81 -10.72 11.37
CA PHE A 311 12.13 -10.31 10.86
C PHE A 311 13.21 -10.68 11.87
N ILE A 312 14.42 -10.83 11.34
CA ILE A 312 15.66 -10.69 12.15
C ILE A 312 16.54 -9.64 11.48
N ASN A 313 17.52 -9.12 12.24
CA ASN A 313 18.50 -8.14 11.72
C ASN A 313 19.90 -8.70 11.95
N ILE A 314 20.72 -8.82 10.91
CA ILE A 314 22.12 -9.26 11.09
C ILE A 314 23.07 -8.06 10.90
N LEU A 315 24.10 -8.02 11.72
CA LEU A 315 25.19 -7.00 11.64
C LEU A 315 26.46 -7.69 11.15
N PRO A 316 26.76 -7.66 9.85
CA PRO A 316 27.94 -8.30 9.30
C PRO A 316 29.19 -7.59 9.83
N PRO A 317 30.31 -8.32 9.96
CA PRO A 317 31.53 -7.75 10.54
C PRO A 317 32.24 -6.79 9.59
N ASN A 318 32.01 -6.92 8.28
CA ASN A 318 32.50 -5.99 7.24
C ASN A 318 31.27 -5.26 6.67
N PRO A 319 31.37 -3.97 6.27
CA PRO A 319 30.23 -3.28 5.67
C PRO A 319 29.64 -3.94 4.42
N ILE A 320 28.30 -3.97 4.34
CA ILE A 320 27.53 -4.37 3.13
C ILE A 320 26.97 -3.11 2.47
N GLU A 321 26.70 -3.12 1.17
CA GLU A 321 26.17 -1.93 0.47
C GLU A 321 24.64 -1.96 0.57
N ALA A 322 24.05 -0.80 0.89
CA ALA A 322 22.60 -0.61 1.03
C ALA A 322 21.97 -1.04 -0.28
N SER A 323 20.74 -1.56 -0.25
CA SER A 323 20.01 -2.04 -1.43
C SER A 323 18.52 -1.73 -1.24
N VAL A 324 17.84 -1.64 -2.36
CA VAL A 324 16.35 -1.69 -2.40
C VAL A 324 15.93 -3.14 -2.69
N VAL A 325 14.81 -3.55 -2.11
CA VAL A 325 14.31 -4.93 -2.28
C VAL A 325 13.96 -5.15 -3.76
N THR A 326 14.54 -6.18 -4.37
CA THR A 326 14.22 -6.58 -5.73
C THR A 326 14.10 -8.12 -5.85
N VAL A 327 14.66 -8.87 -4.92
CA VAL A 327 14.71 -10.34 -4.99
C VAL A 327 13.73 -10.93 -3.96
N LEU A 328 12.80 -11.74 -4.45
CA LEU A 328 11.73 -12.29 -3.63
C LEU A 328 11.89 -13.81 -3.60
N GLY A 329 11.64 -14.36 -2.41
CA GLY A 329 11.49 -15.79 -2.15
C GLY A 329 10.06 -16.13 -1.77
N ILE A 330 9.35 -16.76 -2.69
CA ILE A 330 7.88 -16.96 -2.61
C ILE A 330 7.55 -18.46 -2.43
N ARG A 331 6.78 -18.74 -1.39
CA ARG A 331 6.02 -19.99 -1.18
CA ARG A 331 6.02 -19.99 -1.20
C ARG A 331 4.56 -19.60 -0.95
N SER A 332 3.63 -20.54 -1.08
CA SER A 332 2.20 -20.19 -0.89
C SER A 332 1.98 -19.74 0.56
N ASP A 333 2.81 -20.19 1.52
CA ASP A 333 2.55 -19.92 2.96
C ASP A 333 3.49 -18.86 3.54
N TYR A 334 4.40 -18.26 2.77
CA TYR A 334 5.27 -17.16 3.24
C TYR A 334 5.99 -16.53 2.06
N TYR A 335 6.23 -15.21 2.18
CA TYR A 335 6.83 -14.39 1.12
C TYR A 335 8.00 -13.65 1.78
N GLN A 336 9.22 -13.89 1.33
CA GLN A 336 10.44 -13.40 2.04
C GLN A 336 11.23 -12.47 1.14
N VAL A 337 11.85 -11.50 1.78
CA VAL A 337 12.78 -10.54 1.14
C VAL A 337 13.80 -10.10 2.17
N SER A 338 14.79 -9.35 1.73
CA SER A 338 15.75 -8.70 2.67
C SER A 338 16.17 -7.36 2.10
N ALA A 339 16.31 -6.34 2.95
CA ALA A 339 17.03 -5.12 2.50
C ALA A 339 18.27 -4.93 3.35
N SER A 340 19.27 -4.34 2.76
CA SER A 340 20.49 -3.90 3.46
C SER A 340 20.41 -2.37 3.57
N SER A 341 20.86 -1.85 4.70
CA SER A 341 20.67 -0.46 5.13
C SER A 341 21.93 0.06 5.81
N LEU A 342 22.22 1.34 5.56
CA LEU A 342 23.08 2.16 6.45
C LEU A 342 22.48 2.19 7.86
N PRO A 343 23.31 2.43 8.90
CA PRO A 343 22.79 2.59 10.25
C PRO A 343 22.07 3.94 10.37
N PHE A 344 21.37 4.19 11.45
CA PHE A 344 20.68 5.48 11.69
C PHE A 344 20.58 5.67 13.20
N SER A 345 20.43 6.91 13.65
CA SER A 345 20.29 7.28 15.09
C SER A 345 18.90 7.83 15.38
N THR A 346 18.07 8.05 14.36
CA THR A 346 16.63 8.32 14.52
C THR A 346 15.92 7.11 13.91
N PRO A 347 15.00 6.43 14.62
CA PRO A 347 14.36 5.25 14.04
C PRO A 347 13.41 5.68 12.90
N PRO A 348 13.40 4.99 11.75
CA PRO A 348 12.34 5.21 10.78
C PRO A 348 11.06 4.64 11.40
N PHE A 349 10.06 5.49 11.62
CA PHE A 349 8.80 5.10 12.30
C PHE A 349 8.18 3.91 11.56
N SER A 350 7.88 2.88 12.35
CA SER A 350 7.14 1.64 11.97
C SER A 350 8.02 0.58 11.31
N LEU A 351 9.27 0.88 10.95
CA LEU A 351 10.21 -0.18 10.55
C LEU A 351 10.27 -1.23 11.66
N PHE A 352 10.45 -0.79 12.92
CA PHE A 352 10.33 -1.63 14.13
C PHE A 352 8.99 -1.33 14.78
N PRO A 353 8.37 -2.31 15.45
CA PRO A 353 6.98 -2.12 15.85
C PRO A 353 6.74 -1.02 16.90
N THR A 354 7.78 -0.62 17.65
CA THR A 354 7.73 0.52 18.61
C THR A 354 8.99 1.36 18.44
N THR A 355 8.95 2.57 18.98
CA THR A 355 10.05 3.56 18.99
C THR A 355 11.16 3.11 19.98
N SER A 356 10.88 2.20 20.90
CA SER A 356 11.90 1.70 21.88
C SER A 356 12.50 0.37 21.41
N TYR A 357 13.20 0.42 20.31
CA TYR A 357 13.86 -0.74 19.65
C TYR A 357 15.29 -0.32 19.49
N PRO A 358 16.29 -1.21 19.73
CA PRO A 358 17.68 -0.82 19.63
C PRO A 358 18.03 -0.34 18.21
N LEU A 359 18.85 0.71 18.11
CA LEU A 359 19.26 1.29 16.81
C LEU A 359 20.59 0.69 16.41
N PRO A 360 20.77 0.35 15.13
CA PRO A 360 22.04 -0.19 14.65
C PRO A 360 23.13 0.89 14.58
N ASN A 361 24.37 0.50 14.91
CA ASN A 361 25.58 1.36 14.87
C ASN A 361 26.39 1.06 13.61
N SER A 362 26.09 -0.04 12.89
CA SER A 362 26.75 -0.38 11.61
C SER A 362 25.69 -0.81 10.59
N THR A 363 26.10 -1.01 9.35
CA THR A 363 25.23 -1.54 8.26
C THR A 363 24.64 -2.87 8.73
N PHE A 364 23.44 -3.15 8.26
CA PHE A 364 22.66 -4.29 8.76
C PHE A 364 21.79 -4.78 7.61
N ALA A 365 21.40 -6.04 7.68
CA ALA A 365 20.45 -6.63 6.74
C ALA A 365 19.19 -6.89 7.55
N HIS A 366 18.07 -6.34 7.08
CA HIS A 366 16.73 -6.66 7.59
C HIS A 366 16.22 -7.86 6.77
N ILE A 367 15.98 -8.98 7.42
CA ILE A 367 15.58 -10.26 6.73
C ILE A 367 14.18 -10.58 7.20
N VAL A 368 13.24 -10.70 6.27
CA VAL A 368 11.81 -10.53 6.57
C VAL A 368 11.00 -11.68 5.98
N SER A 369 9.88 -12.00 6.62
CA SER A 369 8.86 -12.97 6.16
C SER A 369 7.49 -12.34 6.36
N GLN A 370 6.64 -12.48 5.34
CA GLN A 370 5.26 -11.95 5.34
C GLN A 370 4.31 -13.15 5.36
N VAL A 371 3.36 -13.13 6.28
CA VAL A 371 2.20 -14.06 6.32
C VAL A 371 1.21 -13.70 5.21
N PRO A 372 0.81 -14.66 4.34
CA PRO A 372 -0.17 -14.39 3.29
C PRO A 372 -1.57 -14.27 3.87
N GLY A 373 -2.46 -13.61 3.11
CA GLY A 373 -3.84 -13.37 3.55
C GLY A 373 -3.98 -11.94 4.07
N PRO A 374 -3.95 -11.70 5.41
CA PRO A 374 -3.94 -12.76 6.42
C PRO A 374 -5.38 -13.17 6.71
N LEU A 375 -5.58 -14.14 7.57
CA LEU A 375 -6.95 -14.58 7.95
C LEU A 375 -7.45 -13.76 9.14
N SER A 376 -6.56 -13.27 9.99
CA SER A 376 -6.89 -12.37 11.12
C SER A 376 -7.39 -11.04 10.56
N HIS A 377 -8.44 -10.47 11.14
CA HIS A 377 -8.95 -9.16 10.71
C HIS A 377 -9.48 -8.41 11.91
N GLY A 378 -9.63 -7.11 11.70
CA GLY A 378 -10.25 -6.19 12.67
C GLY A 378 -11.07 -5.17 11.93
N SER A 379 -11.03 -3.92 12.40
CA SER A 379 -11.98 -2.90 11.94
C SER A 379 -11.36 -1.51 12.01
N VAL A 380 -12.01 -0.59 11.30
CA VAL A 380 -11.81 0.87 11.39
C VAL A 380 -13.08 1.45 12.03
N THR A 381 -12.92 2.30 13.05
CA THR A 381 -14.05 3.07 13.63
C THR A 381 -13.62 4.53 13.72
N LEU A 382 -14.61 5.41 13.81
CA LEU A 382 -14.38 6.87 13.88
C LEU A 382 -13.84 7.24 15.25
N ASN A 383 -12.89 8.16 15.27
CA ASN A 383 -12.38 8.78 16.50
C ASN A 383 -13.18 10.08 16.72
N SER A 384 -13.43 10.82 15.65
CA SER A 384 -14.32 12.01 15.59
C SER A 384 -15.50 11.71 14.67
N SER A 385 -16.73 12.05 15.08
CA SER A 385 -17.94 11.89 14.24
C SER A 385 -18.09 13.03 13.23
N SER A 386 -17.17 14.00 13.21
CA SER A 386 -17.33 15.17 12.31
C SER A 386 -16.05 15.56 11.56
N ASP A 387 -14.83 15.29 12.05
CA ASP A 387 -13.62 15.92 11.45
C ASP A 387 -12.77 14.84 10.75
N VAL A 388 -12.67 14.86 9.42
CA VAL A 388 -11.92 13.82 8.65
C VAL A 388 -10.42 13.92 8.95
N ARG A 389 -9.91 15.07 9.41
CA ARG A 389 -8.46 15.24 9.69
C ARG A 389 -8.06 14.48 10.94
N ILE A 390 -9.01 14.04 11.75
CA ILE A 390 -8.73 13.21 12.95
C ILE A 390 -8.72 11.75 12.54
N ALA A 391 -7.59 11.09 12.75
CA ALA A 391 -7.39 9.72 12.22
C ALA A 391 -8.39 8.81 12.90
N PRO A 392 -8.94 7.84 12.17
CA PRO A 392 -9.82 6.86 12.78
C PRO A 392 -9.00 5.84 13.60
N ASN A 393 -9.70 5.14 14.48
CA ASN A 393 -9.15 4.00 15.23
C ASN A 393 -9.05 2.81 14.30
N ILE A 394 -7.99 2.03 14.44
CA ILE A 394 -7.82 0.81 13.59
C ILE A 394 -7.20 -0.29 14.44
N LYS A 395 -7.70 -1.48 14.26
CA LYS A 395 -7.21 -2.67 14.96
C LYS A 395 -7.18 -3.79 13.95
N PHE A 396 -6.12 -4.60 13.98
CA PHE A 396 -5.87 -5.67 12.99
C PHE A 396 -6.04 -7.08 13.56
N ASN A 397 -5.93 -7.24 14.89
CA ASN A 397 -6.03 -8.54 15.61
C ASN A 397 -4.97 -9.49 15.12
N TYR A 398 -3.71 -9.04 15.00
CA TYR A 398 -2.58 -9.87 14.54
C TYR A 398 -2.63 -11.23 15.26
N TYR A 399 -2.55 -12.29 14.48
CA TYR A 399 -2.38 -13.71 14.96
C TYR A 399 -3.57 -14.14 15.83
N SER A 400 -4.74 -13.50 15.70
CA SER A 400 -6.02 -13.94 16.31
C SER A 400 -6.48 -15.23 15.63
N ASN A 401 -6.08 -15.43 14.38
CA ASN A 401 -6.38 -16.64 13.59
C ASN A 401 -5.16 -17.56 13.65
N SER A 402 -5.31 -18.81 14.11
CA SER A 402 -4.16 -19.73 14.36
C SER A 402 -3.47 -20.13 13.06
N THR A 403 -4.14 -20.12 11.91
CA THR A 403 -3.52 -20.44 10.58
C THR A 403 -2.42 -19.42 10.30
N ASP A 404 -2.66 -18.14 10.63
CA ASP A 404 -1.65 -17.07 10.41
C ASP A 404 -0.42 -17.40 11.29
N LEU A 405 -0.63 -17.80 12.54
CA LEU A 405 0.49 -18.12 13.48
C LEU A 405 1.26 -19.31 12.91
N ALA A 406 0.54 -20.34 12.45
CA ALA A 406 1.14 -21.55 11.86
C ALA A 406 2.00 -21.14 10.65
N ASN A 407 1.53 -20.18 9.85
CA ASN A 407 2.27 -19.77 8.64
C ASN A 407 3.53 -18.98 9.05
N CYS A 408 3.46 -18.16 10.07
CA CYS A 408 4.65 -17.41 10.57
C CYS A 408 5.68 -18.45 11.03
N VAL A 409 5.26 -19.49 11.75
CA VAL A 409 6.21 -20.53 12.22
C VAL A 409 6.97 -21.08 11.01
N SER A 410 6.27 -21.47 9.96
CA SER A 410 6.92 -22.00 8.73
C SER A 410 7.91 -20.97 8.17
N GLY A 411 7.50 -19.71 8.02
CA GLY A 411 8.37 -18.62 7.52
C GLY A 411 9.64 -18.48 8.36
N MET A 412 9.51 -18.50 9.69
CA MET A 412 10.65 -18.25 10.60
C MET A 412 11.65 -19.43 10.49
N LYS A 413 11.17 -20.67 10.33
CA LYS A 413 12.04 -21.88 10.12
C LYS A 413 12.76 -21.76 8.80
N LYS A 414 12.09 -21.22 7.78
CA LYS A 414 12.76 -20.98 6.48
C LYS A 414 13.80 -19.88 6.62
N LEU A 415 13.56 -18.81 7.40
CA LEU A 415 14.62 -17.78 7.61
C LEU A 415 15.81 -18.47 8.32
N GLY A 416 15.54 -19.42 9.22
CA GLY A 416 16.60 -20.25 9.85
C GLY A 416 17.46 -20.96 8.82
N ASP A 417 16.82 -21.58 7.83
CA ASP A 417 17.51 -22.29 6.73
C ASP A 417 18.31 -21.25 5.97
N LEU A 418 17.74 -20.08 5.66
CA LEU A 418 18.44 -19.01 4.92
C LEU A 418 19.75 -18.63 5.62
N LEU A 419 19.71 -18.41 6.94
CA LEU A 419 20.91 -17.97 7.73
C LEU A 419 21.97 -19.10 7.73
N ARG A 420 21.56 -20.35 7.48
CA ARG A 420 22.48 -21.54 7.47
C ARG A 420 23.10 -21.81 6.09
N THR A 421 22.80 -21.01 5.06
CA THR A 421 23.29 -21.23 3.68
C THR A 421 24.76 -20.81 3.57
N LYS A 422 25.49 -21.42 2.65
CA LYS A 422 26.83 -20.96 2.21
C LYS A 422 26.76 -19.49 1.78
N ALA A 423 25.73 -19.10 1.03
CA ALA A 423 25.52 -17.70 0.58
C ALA A 423 25.68 -16.69 1.73
N LEU A 424 25.12 -16.93 2.90
CA LEU A 424 25.14 -15.97 4.04
C LEU A 424 26.31 -16.21 5.00
N GLU A 425 27.03 -17.33 4.87
CA GLU A 425 28.15 -17.66 5.79
C GLU A 425 29.15 -16.50 5.89
N PRO A 426 29.55 -15.83 4.78
CA PRO A 426 30.51 -14.73 4.87
C PRO A 426 30.09 -13.49 5.67
N TYR A 427 28.84 -13.42 6.17
CA TYR A 427 28.28 -12.28 6.92
C TYR A 427 28.18 -12.62 8.39
N LYS A 428 28.71 -13.78 8.77
CA LYS A 428 28.83 -14.19 10.19
C LYS A 428 30.02 -13.46 10.82
N ALA A 429 29.88 -13.08 12.07
CA ALA A 429 30.95 -12.47 12.88
C ALA A 429 31.94 -13.56 13.30
N ARG A 430 31.46 -14.78 13.61
CA ARG A 430 32.29 -15.91 14.15
C ARG A 430 32.11 -17.15 13.24
N ASP A 431 33.19 -17.80 12.84
CA ASP A 431 33.19 -18.97 11.92
C ASP A 431 32.79 -20.24 12.70
N VAL A 432 31.71 -20.21 13.45
CA VAL A 432 31.20 -21.35 14.26
C VAL A 432 30.14 -22.11 13.45
N LEU A 433 29.76 -23.31 13.83
CA LEU A 433 28.85 -24.10 12.96
C LEU A 433 27.46 -23.43 12.87
N GLY A 434 26.95 -22.85 13.95
CA GLY A 434 25.51 -22.51 14.06
C GLY A 434 25.20 -21.06 13.68
N ILE A 435 23.91 -20.69 13.70
CA ILE A 435 23.49 -19.28 13.38
C ILE A 435 23.75 -18.35 14.58
N ASP A 436 24.17 -18.86 15.74
CA ASP A 436 24.71 -17.95 16.80
C ASP A 436 26.04 -17.29 16.36
N GLY A 437 26.61 -17.67 15.22
CA GLY A 437 27.80 -17.05 14.62
C GLY A 437 27.51 -15.65 14.04
N PHE A 438 26.23 -15.32 13.80
CA PHE A 438 25.85 -13.96 13.35
C PHE A 438 25.76 -13.08 14.60
N ASN A 439 26.00 -11.78 14.42
CA ASN A 439 25.62 -10.72 15.38
C ASN A 439 24.26 -10.16 14.95
N TYR A 440 23.31 -10.13 15.88
CA TYR A 440 21.92 -9.70 15.67
C TYR A 440 21.66 -8.33 16.32
N LEU A 441 20.87 -7.52 15.65
CA LEU A 441 20.19 -6.36 16.25
C LEU A 441 18.79 -6.81 16.61
N GLY A 442 18.40 -6.68 17.87
CA GLY A 442 17.11 -7.14 18.38
C GLY A 442 17.09 -8.64 18.64
N VAL A 443 15.91 -9.24 18.59
CA VAL A 443 15.69 -10.64 19.03
C VAL A 443 16.16 -11.55 17.90
N PRO A 444 17.13 -12.47 18.15
CA PRO A 444 17.46 -13.52 17.20
C PRO A 444 16.36 -14.59 17.11
N LEU A 445 16.40 -15.41 16.05
CA LEU A 445 15.57 -16.63 15.91
C LEU A 445 15.91 -17.53 17.07
N PRO A 446 14.96 -18.32 17.61
CA PRO A 446 15.29 -19.41 18.54
C PRO A 446 16.18 -20.50 17.90
N GLN A 449 16.72 -23.92 20.38
CA GLN A 449 15.33 -24.44 20.43
C GLN A 449 14.73 -24.36 19.03
N THR A 450 14.04 -25.42 18.60
CA THR A 450 13.30 -25.46 17.31
C THR A 450 12.02 -26.32 17.41
N ASP A 451 11.50 -26.54 18.62
CA ASP A 451 10.07 -26.87 18.89
C ASP A 451 9.18 -25.68 18.47
N ASP A 452 7.91 -25.96 18.17
CA ASP A 452 6.96 -24.97 17.58
C ASP A 452 6.75 -23.80 18.57
N ALA A 453 6.63 -24.08 19.87
CA ALA A 453 6.28 -23.10 20.94
C ALA A 453 7.20 -21.87 20.96
N SER A 454 8.51 -22.02 20.77
CA SER A 454 9.46 -20.87 20.84
C SER A 454 9.29 -19.97 19.59
N PHE A 455 9.09 -20.58 18.43
CA PHE A 455 8.79 -19.92 17.12
C PHE A 455 7.44 -19.18 17.23
N GLU A 456 6.44 -19.75 17.91
CA GLU A 456 5.14 -19.09 18.13
C GLU A 456 5.35 -17.82 18.94
N THR A 457 6.11 -17.92 20.04
CA THR A 457 6.35 -16.79 20.96
C THR A 457 7.05 -15.69 20.18
N PHE A 458 8.05 -16.07 19.39
CA PHE A 458 8.88 -15.16 18.58
C PHE A 458 7.98 -14.39 17.59
N CYS A 459 7.16 -15.12 16.85
CA CYS A 459 6.12 -14.57 15.93
C CYS A 459 5.20 -13.57 16.64
N LEU A 460 4.61 -13.96 17.77
CA LEU A 460 3.63 -13.13 18.51
C LEU A 460 4.31 -11.87 19.04
N ASP A 461 5.52 -12.01 19.55
CA ASP A 461 6.19 -10.96 20.36
C ASP A 461 6.89 -9.96 19.44
N ASN A 462 7.31 -10.36 18.24
CA ASN A 462 8.23 -9.52 17.44
C ASN A 462 7.56 -9.08 16.13
N VAL A 463 6.24 -9.19 16.05
CA VAL A 463 5.49 -8.83 14.82
C VAL A 463 5.55 -7.32 14.56
N ALA A 464 5.66 -6.96 13.29
CA ALA A 464 5.57 -5.57 12.77
C ALA A 464 4.56 -5.55 11.62
N SER A 465 4.22 -4.36 11.13
CA SER A 465 3.36 -4.23 9.94
C SER A 465 4.24 -4.48 8.73
N TYR A 466 3.71 -5.22 7.76
CA TYR A 466 4.27 -5.28 6.40
C TYR A 466 3.87 -4.02 5.60
N TRP A 467 2.93 -3.22 6.10
CA TRP A 467 2.44 -1.97 5.45
C TRP A 467 1.46 -2.29 4.32
N HIS A 468 1.11 -3.54 4.10
CA HIS A 468 0.20 -3.92 3.00
C HIS A 468 -1.24 -4.16 3.51
N TYR A 469 -1.69 -3.35 4.46
CA TYR A 469 -3.03 -3.42 5.03
C TYR A 469 -4.06 -3.14 3.94
N HIS A 470 -5.21 -3.77 4.07
CA HIS A 470 -6.27 -3.73 3.06
C HIS A 470 -7.62 -4.04 3.73
N GLY A 471 -8.71 -3.87 2.99
CA GLY A 471 -10.08 -4.18 3.44
C GLY A 471 -10.77 -2.98 4.05
N GLY A 472 -11.98 -3.21 4.60
CA GLY A 472 -12.80 -2.13 5.16
C GLY A 472 -13.98 -1.75 4.28
N SER A 473 -13.92 -2.02 2.96
CA SER A 473 -15.04 -1.75 2.04
C SER A 473 -15.11 -2.85 1.00
N LEU A 474 -15.30 -4.10 1.45
CA LEU A 474 -15.04 -5.26 0.58
C LEU A 474 -16.08 -5.39 -0.55
N VAL A 475 -15.57 -5.82 -1.71
CA VAL A 475 -16.40 -6.48 -2.75
C VAL A 475 -17.09 -7.68 -2.07
N GLY A 476 -18.41 -7.79 -2.22
CA GLY A 476 -19.21 -8.87 -1.60
C GLY A 476 -19.82 -8.46 -0.25
N LYS A 477 -19.40 -7.34 0.34
CA LYS A 477 -19.85 -6.87 1.68
C LYS A 477 -20.45 -5.47 1.50
N VAL A 478 -19.62 -4.55 1.00
CA VAL A 478 -20.00 -3.13 0.78
C VAL A 478 -20.23 -2.91 -0.71
N LEU A 479 -19.46 -3.57 -1.58
CA LEU A 479 -19.49 -3.30 -3.03
C LEU A 479 -19.99 -4.52 -3.79
N ASP A 480 -20.53 -4.28 -4.98
CA ASP A 480 -20.83 -5.35 -5.95
C ASP A 480 -19.58 -5.58 -6.79
N ASP A 481 -19.70 -6.43 -7.82
CA ASP A 481 -18.55 -6.90 -8.66
C ASP A 481 -18.07 -5.78 -9.60
N SER A 482 -18.81 -4.66 -9.70
CA SER A 482 -18.42 -3.45 -10.48
C SER A 482 -17.92 -2.33 -9.56
N PHE A 483 -17.67 -2.64 -8.29
CA PHE A 483 -17.07 -1.72 -7.28
C PHE A 483 -18.07 -0.62 -6.91
N ARG A 484 -19.36 -0.83 -7.15
CA ARG A 484 -20.44 0.11 -6.74
C ARG A 484 -20.81 -0.15 -5.28
N VAL A 485 -21.04 0.93 -4.54
CA VAL A 485 -21.54 0.83 -3.15
C VAL A 485 -23.00 0.37 -3.23
N MET A 486 -23.29 -0.78 -2.66
CA MET A 486 -24.61 -1.43 -2.84
C MET A 486 -25.69 -0.51 -2.23
N GLY A 487 -26.76 -0.25 -2.99
CA GLY A 487 -27.89 0.57 -2.56
C GLY A 487 -27.73 2.02 -2.98
N ILE A 488 -26.60 2.42 -3.55
CA ILE A 488 -26.35 3.84 -3.84
C ILE A 488 -25.97 3.92 -5.31
N LYS A 489 -26.63 4.80 -6.04
CA LYS A 489 -26.23 5.12 -7.45
C LYS A 489 -25.09 6.12 -7.41
N ALA A 490 -24.26 6.07 -8.46
CA ALA A 490 -23.22 7.05 -8.78
C ALA A 490 -22.16 7.11 -7.66
N LEU A 491 -21.96 5.99 -6.95
CA LEU A 491 -20.87 5.90 -5.94
C LEU A 491 -20.12 4.58 -6.08
N ARG A 492 -18.80 4.67 -6.21
CA ARG A 492 -17.92 3.48 -6.28
C ARG A 492 -16.74 3.68 -5.34
N VAL A 493 -16.02 2.61 -5.11
CA VAL A 493 -14.80 2.61 -4.27
C VAL A 493 -13.76 1.81 -5.07
N VAL A 494 -12.58 2.38 -5.25
CA VAL A 494 -11.45 1.71 -5.95
C VAL A 494 -10.15 2.05 -5.24
N ASP A 495 -9.58 1.05 -4.55
CA ASP A 495 -8.36 1.18 -3.71
C ASP A 495 -8.16 -0.13 -2.94
N ALA A 496 -7.23 -0.17 -1.97
CA ALA A 496 -6.89 -1.40 -1.20
C ALA A 496 -7.99 -1.69 -0.16
N SER A 497 -9.03 -0.87 -0.03
CA SER A 497 -10.19 -1.20 0.88
C SER A 497 -11.03 -2.34 0.32
N THR A 498 -10.83 -2.78 -0.93
CA THR A 498 -11.81 -3.57 -1.69
C THR A 498 -11.66 -5.10 -1.59
N PHE A 499 -10.48 -5.63 -1.24
CA PHE A 499 -10.22 -7.10 -1.25
C PHE A 499 -9.72 -7.57 0.10
N PRO A 500 -10.19 -8.75 0.57
CA PRO A 500 -9.81 -9.21 1.91
C PRO A 500 -8.46 -9.93 1.97
N TYR A 501 -7.95 -10.45 0.86
CA TYR A 501 -6.69 -11.23 0.83
C TYR A 501 -5.75 -10.56 -0.15
N GLU A 502 -4.47 -10.58 0.15
CA GLU A 502 -3.46 -9.89 -0.69
C GLU A 502 -3.46 -10.53 -2.07
N PRO A 503 -3.37 -9.77 -3.16
CA PRO A 503 -3.26 -10.37 -4.49
C PRO A 503 -1.89 -10.99 -4.78
N ASN A 504 -0.91 -10.73 -3.90
CA ASN A 504 0.50 -11.11 -4.05
C ASN A 504 1.27 -10.66 -2.82
N SER A 505 2.60 -10.72 -2.87
CA SER A 505 3.53 -10.24 -1.83
C SER A 505 3.57 -8.71 -1.75
N HIS A 506 3.41 -8.00 -2.86
CA HIS A 506 3.64 -6.54 -3.03
C HIS A 506 2.53 -6.00 -3.93
N PRO A 507 1.44 -5.48 -3.32
CA PRO A 507 0.20 -5.25 -4.04
C PRO A 507 0.11 -3.91 -4.79
N GLN A 508 1.12 -3.04 -4.75
CA GLN A 508 1.01 -1.72 -5.45
C GLN A 508 0.71 -1.95 -6.95
N GLY A 509 1.30 -2.97 -7.57
CA GLY A 509 1.09 -3.26 -8.99
C GLY A 509 -0.37 -3.56 -9.27
N PHE A 510 -0.99 -4.35 -8.41
CA PHE A 510 -2.43 -4.70 -8.53
C PHE A 510 -3.31 -3.42 -8.41
N TYR A 511 -3.08 -2.57 -7.40
CA TYR A 511 -3.93 -1.37 -7.17
C TYR A 511 -3.70 -0.29 -8.23
N LEU A 512 -2.48 -0.15 -8.76
CA LEU A 512 -2.19 0.74 -9.92
C LEU A 512 -3.04 0.27 -11.09
N MET A 513 -2.94 -1.01 -11.42
CA MET A 513 -3.72 -1.62 -12.51
C MET A 513 -5.21 -1.41 -12.24
N LEU A 514 -5.66 -1.61 -11.02
CA LEU A 514 -7.11 -1.62 -10.69
C LEU A 514 -7.72 -0.23 -10.94
N GLY A 515 -6.97 0.84 -10.64
CA GLY A 515 -7.41 2.22 -10.92
C GLY A 515 -7.80 2.39 -12.37
N ARG A 516 -6.91 2.00 -13.28
CA ARG A 516 -7.17 2.20 -14.71
C ARG A 516 -8.25 1.22 -15.14
N TYR A 517 -8.18 -0.03 -14.69
CA TYR A 517 -9.10 -1.10 -15.13
C TYR A 517 -10.54 -0.67 -14.83
N VAL A 518 -10.79 -0.18 -13.62
CA VAL A 518 -12.18 0.17 -13.22
C VAL A 518 -12.59 1.44 -13.98
N GLY A 519 -11.69 2.39 -14.18
CA GLY A 519 -11.96 3.54 -15.04
C GLY A 519 -12.46 3.08 -16.42
N LEU A 520 -11.78 2.09 -17.03
CA LEU A 520 -12.13 1.55 -18.37
C LEU A 520 -13.49 0.85 -18.31
N GLN A 521 -13.80 0.17 -17.20
CA GLN A 521 -15.10 -0.47 -17.03
C GLN A 521 -16.19 0.60 -16.93
N ILE A 522 -15.92 1.71 -16.23
CA ILE A 522 -16.91 2.82 -16.11
C ILE A 522 -17.18 3.41 -17.51
N LEU A 523 -16.14 3.71 -18.26
CA LEU A 523 -16.23 4.29 -19.61
C LEU A 523 -17.01 3.33 -20.54
N GLN A 524 -16.73 2.03 -20.49
CA GLN A 524 -17.46 0.98 -21.26
C GLN A 524 -18.93 0.93 -20.86
N GLU A 525 -19.21 0.81 -19.55
CA GLU A 525 -20.61 0.74 -19.03
C GLU A 525 -21.35 1.92 -19.64
N ARG A 526 -20.74 3.09 -19.60
CA ARG A 526 -21.40 4.33 -20.03
C ARG A 526 -21.60 4.36 -21.54
N SER A 527 -20.63 3.89 -22.34
CA SER A 527 -20.73 3.78 -23.81
C SER A 527 -21.83 2.77 -24.14
C1 NAG B . -2.62 26.92 -0.55
C2 NAG B . -1.21 26.43 -0.24
C3 NAG B . -0.83 26.70 1.24
C4 NAG B . -1.06 28.15 1.61
C5 NAG B . -2.46 28.58 1.17
C6 NAG B . -2.67 30.08 1.41
C7 NAG B . -0.40 24.56 -1.64
C8 NAG B . -0.31 23.04 -1.80
N2 NAG B . -1.01 25.01 -0.54
O3 NAG B . 0.55 26.41 1.42
O4 NAG B . -0.86 28.30 3.04
O5 NAG B . -2.73 28.30 -0.21
O6 NAG B . -4.07 30.34 1.18
O7 NAG B . 0.07 25.31 -2.48
C1 NAG C . -1.85 -12.42 -18.30
C2 NAG C . -2.13 -13.67 -19.12
C3 NAG C . -1.55 -14.87 -18.40
C4 NAG C . -0.08 -14.71 -18.07
C5 NAG C . 0.08 -13.40 -17.33
C6 NAG C . 1.52 -13.20 -16.84
C7 NAG C . -4.26 -13.61 -20.39
C8 NAG C . -5.76 -13.75 -20.33
N2 NAG C . -3.53 -13.95 -19.32
O3 NAG C . -1.76 -16.02 -19.22
O4 NAG C . 0.30 -15.80 -17.22
O5 NAG C . -0.42 -12.28 -18.13
O6 NAG C . 1.51 -12.09 -15.96
O7 NAG C . -3.69 -13.16 -21.34
C1 NAG D . -27.61 11.54 20.61
C2 NAG D . -26.75 11.52 21.88
C3 NAG D . -27.61 11.16 23.10
C4 NAG D . -28.78 12.12 23.16
C5 NAG D . -29.52 12.26 21.81
C6 NAG D . -30.44 13.47 21.89
C7 NAG D . -24.42 10.98 21.40
C8 NAG D . -23.31 9.95 21.45
N2 NAG D . -25.63 10.61 21.77
O3 NAG D . -26.80 11.24 24.28
O4 NAG D . -29.77 11.79 24.14
O5 NAG D . -28.58 12.58 20.79
O6 NAG D . -31.22 13.58 20.71
O7 NAG D . -24.16 12.10 21.00
C1 NAG E . -9.51 8.61 19.86
C2 NAG E . -10.25 7.64 20.81
C3 NAG E . -9.53 7.51 22.16
C4 NAG E . -8.06 7.28 21.84
C5 NAG E . -7.60 8.60 21.21
C6 NAG E . -6.11 8.87 21.22
C7 NAG E . -12.68 7.56 20.34
C8 NAG E . -14.01 8.25 20.48
N2 NAG E . -11.62 8.09 20.97
O3 NAG E . -10.08 6.43 22.90
O4 NAG E . -7.24 6.84 22.93
O5 NAG E . -8.08 8.47 19.87
O6 NAG E . -5.54 8.07 20.19
O7 NAG E . -12.61 6.57 19.64
C1 NAG F . -1.69 -18.19 -5.87
C2 NAG F . -0.93 -18.88 -4.74
C3 NAG F . -1.50 -20.30 -4.46
C4 NAG F . -3.01 -20.40 -4.29
C5 NAG F . -3.65 -19.52 -5.39
C6 NAG F . -5.16 -19.47 -5.21
C7 NAG F . 1.45 -18.40 -4.50
C8 NAG F . 2.81 -18.76 -4.98
N2 NAG F . 0.46 -18.95 -5.18
O3 NAG F . -0.92 -20.79 -3.27
O4 NAG F . -3.43 -21.80 -4.37
O5 NAG F . -3.07 -18.18 -5.40
O6 NAG F . -5.56 -18.60 -4.16
O7 NAG F . 1.26 -17.71 -3.54
C1 NAG G . -9.55 -18.34 10.67
C2 NAG G . -10.62 -18.70 11.72
C3 NAG G . -11.74 -19.54 11.14
C4 NAG G . -12.02 -19.14 9.70
C5 NAG G . -10.72 -19.21 8.91
C6 NAG G . -10.84 -19.22 7.39
C7 NAG G . -9.71 -19.04 14.02
C8 NAG G . -8.69 -19.84 14.85
N2 NAG G . -9.91 -19.46 12.77
O3 NAG G . -12.94 -19.39 11.91
O4 NAG G . -12.97 -20.08 9.24
O5 NAG G . -10.02 -18.07 9.36
O6 NAG G . -11.25 -17.95 6.88
O7 NAG G . -10.28 -18.02 14.45
CAA FQ6 H . 13.65 -0.18 5.20
CAB FQ6 H . 13.33 -1.61 4.90
CAC FQ6 H . 14.34 -2.53 5.12
CAD FQ6 H . 15.69 -2.13 5.64
CAE FQ6 H . 15.98 -0.86 5.96
CAF FQ6 H . 14.88 0.17 5.69
CAG FQ6 H . 11.91 -2.11 4.31
CAI FQ6 H . 12.82 -4.18 4.26
CAK FQ6 H . 15.22 1.61 6.04
OAH FQ6 H . 11.88 -3.38 4.52
OAJ FQ6 H . 14.08 -3.97 4.77
OAL FQ6 H . 14.37 2.19 6.69
PA FAD I . -3.07 5.31 -1.07
O1A FAD I . -2.04 5.08 -2.17
O2A FAD I . -2.56 5.61 0.32
O5B FAD I . -4.07 6.44 -1.57
C5B FAD I . -5.10 7.06 -0.78
C4B FAD I . -4.98 8.56 -0.94
O4B FAD I . -6.15 9.18 -0.35
C3B FAD I . -3.76 9.19 -0.25
O3B FAD I . -2.99 9.97 -1.17
C2B FAD I . -4.40 10.00 0.89
O2B FAD I . -3.67 11.14 1.27
C1B FAD I . -5.76 10.37 0.30
N9A FAD I . -6.82 10.66 1.20
C8A FAD I . -7.21 9.90 2.32
N7A FAD I . -8.31 10.36 2.86
C5A FAD I . -8.65 11.47 2.09
C6A FAD I . -9.70 12.41 2.18
N6A FAD I . -10.66 12.35 3.11
N1A FAD I . -9.73 13.44 1.26
C2A FAD I . -8.75 13.48 0.35
N3A FAD I . -7.74 12.64 0.14
C4A FAD I . -7.74 11.66 1.07
N1 FAD I . 3.45 -2.27 -1.81
C2 FAD I . 4.19 -2.75 -2.81
O2 FAD I . 3.63 -3.37 -3.74
N3 FAD I . 5.53 -2.58 -2.84
C4 FAD I . 6.25 -2.08 -1.78
O4 FAD I . 7.46 -1.89 -1.91
C4X FAD I . 5.50 -1.43 -0.74
N5 FAD I . 6.13 -0.80 0.24
C5X FAD I . 5.32 -0.14 1.15
C6 FAD I . 5.95 0.65 2.12
C7 FAD I . 5.22 1.43 2.99
C7M FAD I . 5.96 2.28 4.01
C8 FAD I . 3.80 1.47 2.89
C8M FAD I . 2.96 2.30 3.83
C9 FAD I . 3.16 0.59 2.00
C9A FAD I . 3.90 -0.16 1.08
N10 FAD I . 3.31 -0.98 0.10
C10 FAD I . 4.07 -1.58 -0.86
C1' FAD I . 1.85 -1.11 0.00
C2' FAD I . 1.25 -0.27 -1.13
O2' FAD I . 2.10 0.87 -1.39
C3' FAD I . -0.18 0.12 -0.71
O3' FAD I . -0.96 -1.00 -0.31
C4' FAD I . -0.99 0.84 -1.80
O4' FAD I . -0.18 1.93 -2.26
C5' FAD I . -2.31 1.35 -1.29
O5' FAD I . -3.00 2.13 -2.36
P FAD I . -4.39 2.89 -2.06
O1P FAD I . -4.78 3.60 -3.33
O2P FAD I . -5.33 1.89 -1.44
O3P FAD I . -3.97 3.98 -0.95
C1 PEG J . -5.37 -17.13 -17.64
O1 PEG J . -4.04 -17.57 -17.69
C2 PEG J . -5.60 -16.12 -16.56
O2 PEG J . -4.47 -15.27 -16.40
C3 PEG J . -4.75 -14.05 -15.70
C4 PEG J . -4.98 -13.00 -16.71
O4 PEG J . -4.88 -11.68 -16.25
P PO4 K . 17.67 -0.18 -8.88
O1 PO4 K . 18.37 -1.38 -8.27
O2 PO4 K . 17.94 -0.21 -10.40
O3 PO4 K . 18.23 1.10 -8.25
O4 PO4 K . 16.14 -0.27 -8.59
#